data_3SIQ
#
_entry.id   3SIQ
#
_cell.length_a   99.782
_cell.length_b   99.782
_cell.length_c   71.344
_cell.angle_alpha   90.00
_cell.angle_beta   90.00
_cell.angle_gamma   120.00
#
_symmetry.space_group_name_H-M   'P 31'
#
loop_
_entity.id
_entity.type
_entity.pdbx_description
1 polymer 'Apoptosis 1 inhibitor'
2 non-polymer 'ZINC ION'
3 water water
#
_entity_poly.entity_id   1
_entity_poly.type   'polypeptide(L)'
_entity_poly.pdbx_seq_one_letter_code
;MASVVPIAFDQVDNNTNATQLFKNNINKTRMNDLNREETRLKTFTDWPLDWLDKRQLAQTGMYFTHAGDKVKCFFCGVEI
GSWEQEDQPVPEHQRWSPNCPLLRRRTTNNVPINAEALDRILPPISYDLEHHHHHH
;
_entity_poly.pdbx_strand_id   A,B,C,D,E,F
#
loop_
_chem_comp.id
_chem_comp.type
_chem_comp.name
_chem_comp.formula
ZN non-polymer 'ZINC ION' 'Zn 2'
#
# COMPACT_ATOMS: atom_id res chain seq x y z
N ALA A 2 37.27 10.36 -12.45
CA ALA A 2 36.48 10.95 -11.35
C ALA A 2 34.99 10.76 -11.59
N SER A 3 34.27 10.37 -10.54
CA SER A 3 32.82 10.33 -10.63
C SER A 3 32.28 11.71 -10.27
N VAL A 4 30.99 11.93 -10.44
CA VAL A 4 30.42 13.22 -10.13
C VAL A 4 29.36 13.09 -9.03
N VAL A 5 29.30 14.09 -8.15
CA VAL A 5 28.34 14.06 -7.05
C VAL A 5 27.07 14.84 -7.37
N PRO A 6 26.02 14.12 -7.79
CA PRO A 6 24.86 14.74 -8.44
C PRO A 6 23.93 15.49 -7.47
N ILE A 7 22.96 16.18 -8.04
CA ILE A 7 22.41 17.40 -7.45
C ILE A 7 21.40 17.10 -6.34
N ARG A 30 37.54 34.27 8.35
CA ARG A 30 37.33 35.23 7.28
C ARG A 30 35.97 35.03 6.60
N MET A 31 35.72 35.80 5.55
CA MET A 31 34.66 35.49 4.60
C MET A 31 35.29 35.00 3.29
N ASN A 32 34.69 33.97 2.70
CA ASN A 32 35.27 33.36 1.52
C ASN A 32 34.79 33.99 0.22
N ASP A 33 35.67 34.79 -0.38
CA ASP A 33 35.51 35.14 -1.77
C ASP A 33 36.05 34.05 -2.69
N LEU A 34 35.23 33.01 -2.87
CA LEU A 34 35.67 31.79 -3.53
C LEU A 34 35.78 31.98 -5.05
N ASN A 35 35.60 33.22 -5.49
CA ASN A 35 35.96 33.59 -6.86
C ASN A 35 37.46 33.88 -6.99
N ARG A 36 38.12 34.03 -5.86
CA ARG A 36 39.57 34.27 -5.85
C ARG A 36 40.33 32.96 -5.72
N GLU A 37 41.33 32.78 -6.58
CA GLU A 37 42.07 31.53 -6.68
C GLU A 37 42.88 31.27 -5.43
N GLU A 38 43.56 32.30 -4.95
CA GLU A 38 44.20 32.27 -3.63
C GLU A 38 43.34 31.63 -2.54
N THR A 39 42.03 31.88 -2.59
CA THR A 39 41.16 31.60 -1.46
C THR A 39 40.61 30.19 -1.59
N ARG A 40 40.04 29.91 -2.77
CA ARG A 40 39.96 28.55 -3.27
C ARG A 40 41.14 27.69 -2.80
N LEU A 41 42.35 28.19 -3.04
CA LEU A 41 43.58 27.52 -2.63
C LEU A 41 43.65 27.35 -1.12
N LYS A 42 43.20 28.36 -0.38
CA LYS A 42 43.15 28.27 1.07
C LYS A 42 42.40 27.00 1.51
N THR A 43 41.32 26.67 0.82
CA THR A 43 40.39 25.66 1.31
C THR A 43 41.02 24.27 1.35
N PHE A 44 42.27 24.17 0.93
CA PHE A 44 42.84 22.96 0.38
C PHE A 44 43.94 22.48 1.33
N THR A 45 43.85 22.89 2.58
CA THR A 45 44.90 22.66 3.56
C THR A 45 44.73 21.32 4.27
N ASP A 46 43.51 20.80 4.27
CA ASP A 46 43.27 19.44 4.72
C ASP A 46 42.94 18.51 3.57
N TRP A 47 43.67 18.63 2.46
CA TRP A 47 43.35 17.94 1.22
C TRP A 47 44.11 16.61 1.11
N PRO A 48 43.37 15.50 0.90
CA PRO A 48 43.87 14.15 1.12
C PRO A 48 44.76 13.59 0.00
N LEU A 49 44.64 14.14 -1.21
CA LEU A 49 45.17 13.50 -2.41
C LEU A 49 46.43 14.21 -2.85
N ASP A 50 47.58 13.60 -2.61
CA ASP A 50 48.85 14.32 -2.65
C ASP A 50 49.42 14.23 -4.05
N TRP A 51 48.82 13.37 -4.86
CA TRP A 51 49.28 13.14 -6.22
C TRP A 51 48.35 13.81 -7.23
N LEU A 52 47.27 14.41 -6.73
CA LEU A 52 46.42 15.24 -7.57
C LEU A 52 46.56 16.71 -7.16
N ASP A 53 47.07 17.53 -8.08
CA ASP A 53 47.77 18.76 -7.75
C ASP A 53 46.81 19.88 -7.39
N LYS A 54 46.38 19.90 -6.13
CA LYS A 54 45.44 20.88 -5.61
C LYS A 54 45.61 22.30 -6.15
N ARG A 55 46.85 22.75 -6.31
CA ARG A 55 47.11 24.04 -6.95
C ARG A 55 46.36 24.25 -8.26
N GLN A 56 46.39 23.24 -9.12
CA GLN A 56 45.90 23.42 -10.48
C GLN A 56 44.46 22.98 -10.54
N LEU A 57 44.04 22.30 -9.48
CA LEU A 57 42.62 22.16 -9.16
C LEU A 57 42.07 23.52 -8.79
N ALA A 58 42.67 24.13 -7.79
CA ALA A 58 42.18 25.38 -7.23
C ALA A 58 42.26 26.53 -8.22
N GLN A 59 43.02 26.33 -9.30
CA GLN A 59 43.23 27.32 -10.36
C GLN A 59 42.20 27.09 -11.46
N THR A 60 41.75 25.84 -11.58
CA THR A 60 40.76 25.47 -12.60
C THR A 60 39.32 25.57 -12.10
N GLY A 61 39.08 26.41 -11.09
CA GLY A 61 37.72 26.69 -10.65
C GLY A 61 37.34 26.13 -9.28
N MET A 62 37.99 25.05 -8.86
CA MET A 62 37.46 24.21 -7.78
C MET A 62 37.88 24.65 -6.38
N TYR A 63 36.97 24.50 -5.41
CA TYR A 63 37.32 24.62 -4.00
C TYR A 63 37.00 23.35 -3.23
N PHE A 64 37.79 23.03 -2.22
CA PHE A 64 37.64 21.75 -1.53
C PHE A 64 36.52 21.78 -0.51
N THR A 65 35.49 20.96 -0.71
CA THR A 65 34.36 20.92 0.20
C THR A 65 34.76 20.34 1.56
N HIS A 66 35.90 19.64 1.58
CA HIS A 66 36.41 19.06 2.82
C HIS A 66 35.88 17.64 3.02
N ALA A 67 34.80 17.33 2.30
CA ALA A 67 34.13 16.06 2.45
C ALA A 67 34.74 15.03 1.49
N GLY A 68 35.25 13.94 2.04
CA GLY A 68 36.03 12.96 1.30
C GLY A 68 37.13 13.59 0.49
N ASP A 69 37.01 13.47 -0.83
CA ASP A 69 37.99 13.99 -1.78
C ASP A 69 37.26 14.84 -2.82
N LYS A 70 36.11 15.39 -2.43
CA LYS A 70 35.15 15.99 -3.34
C LYS A 70 35.40 17.49 -3.43
N VAL A 71 35.62 17.97 -4.65
CA VAL A 71 35.74 19.40 -4.88
C VAL A 71 34.51 19.94 -5.60
N LYS A 72 34.35 21.25 -5.56
CA LYS A 72 33.16 21.91 -6.10
C LYS A 72 33.59 23.17 -6.88
N CYS A 73 33.05 23.35 -8.07
CA CYS A 73 33.47 24.49 -8.89
C CYS A 73 32.64 25.73 -8.55
N PHE A 74 33.30 26.87 -8.43
CA PHE A 74 32.59 28.07 -7.99
C PHE A 74 31.72 28.62 -9.11
N PHE A 75 32.13 28.33 -10.33
CA PHE A 75 31.55 28.96 -11.51
C PHE A 75 30.40 28.20 -12.17
N CYS A 76 30.46 26.87 -12.17
CA CYS A 76 29.43 26.05 -12.81
C CYS A 76 28.72 25.13 -11.82
N GLY A 77 29.21 25.10 -10.59
CA GLY A 77 28.57 24.32 -9.53
C GLY A 77 28.76 22.83 -9.63
N VAL A 78 29.59 22.37 -10.58
CA VAL A 78 29.88 20.94 -10.73
C VAL A 78 30.52 20.39 -9.45
N GLU A 79 30.13 19.19 -9.04
CA GLU A 79 30.84 18.51 -7.95
C GLU A 79 31.31 17.11 -8.33
N ILE A 80 32.41 16.70 -7.70
CA ILE A 80 33.34 15.77 -8.30
C ILE A 80 34.24 15.19 -7.22
N GLY A 81 34.22 13.88 -7.09
CA GLY A 81 34.99 13.18 -6.08
C GLY A 81 35.47 11.89 -6.68
N SER A 82 36.06 11.03 -5.85
CA SER A 82 36.37 9.66 -6.26
C SER A 82 37.51 9.62 -7.27
N TRP A 83 38.54 10.44 -7.03
CA TRP A 83 39.56 10.71 -8.04
C TRP A 83 40.43 9.48 -8.27
N GLU A 84 40.57 9.10 -9.54
CA GLU A 84 41.35 7.92 -9.90
C GLU A 84 42.79 8.34 -10.21
N GLN A 85 43.71 7.40 -10.00
CA GLN A 85 45.07 7.77 -9.66
C GLN A 85 45.78 8.37 -10.86
N GLU A 86 45.10 8.33 -12.00
CA GLU A 86 45.62 8.88 -13.26
C GLU A 86 44.73 9.99 -13.85
N ASP A 87 43.63 10.29 -13.17
CA ASP A 87 42.77 11.41 -13.55
C ASP A 87 43.58 12.71 -13.65
N GLN A 88 43.03 13.70 -14.34
CA GLN A 88 43.57 15.07 -14.30
C GLN A 88 42.45 16.10 -14.11
N PRO A 89 42.81 17.28 -13.57
CA PRO A 89 41.81 18.21 -13.04
C PRO A 89 40.90 18.80 -14.12
N VAL A 90 41.49 19.44 -15.12
CA VAL A 90 40.74 20.02 -16.24
C VAL A 90 39.89 19.03 -17.01
N PRO A 91 40.51 17.96 -17.53
CA PRO A 91 39.73 16.98 -18.31
C PRO A 91 38.56 16.38 -17.51
N GLU A 92 38.80 16.03 -16.25
CA GLU A 92 37.69 15.69 -15.37
C GLU A 92 36.66 16.81 -15.35
N HIS A 93 37.10 18.00 -14.97
CA HIS A 93 36.22 19.18 -14.88
C HIS A 93 35.43 19.33 -16.17
N GLN A 94 36.11 19.20 -17.29
CA GLN A 94 35.48 19.26 -18.60
C GLN A 94 34.48 18.13 -18.81
N ARG A 95 34.93 16.89 -18.59
CA ARG A 95 34.09 15.74 -18.87
C ARG A 95 32.70 15.93 -18.28
N TRP A 96 32.65 16.42 -17.05
CA TRP A 96 31.42 16.35 -16.27
C TRP A 96 30.54 17.59 -16.40
N SER A 97 31.14 18.72 -16.76
CA SER A 97 30.42 19.98 -16.93
C SER A 97 31.17 20.89 -17.90
N PRO A 98 31.10 20.56 -19.20
CA PRO A 98 31.93 21.18 -20.24
C PRO A 98 31.43 22.56 -20.64
N ASN A 99 30.19 22.88 -20.29
CA ASN A 99 29.69 24.23 -20.47
C ASN A 99 30.04 25.19 -19.32
N CYS A 100 31.10 24.88 -18.57
CA CYS A 100 31.57 25.77 -17.52
C CYS A 100 32.10 27.10 -18.03
N PRO A 101 31.35 28.18 -17.77
CA PRO A 101 31.79 29.54 -18.00
C PRO A 101 33.30 29.70 -17.98
N LEU A 102 33.96 29.16 -16.95
CA LEU A 102 35.37 29.44 -16.76
C LEU A 102 36.21 28.68 -17.77
N LEU A 103 36.04 27.36 -17.78
CA LEU A 103 36.60 26.53 -18.85
C LEU A 103 36.22 27.10 -20.21
N ARG A 104 34.97 27.54 -20.33
CA ARG A 104 34.44 27.97 -21.61
C ARG A 104 34.96 29.36 -21.97
N ARG A 105 35.83 29.89 -21.13
CA ARG A 105 36.49 31.18 -21.35
C ARG A 105 35.49 32.31 -21.58
N ARG A 106 34.32 32.19 -20.95
CA ARG A 106 33.43 33.32 -20.74
C ARG A 106 33.96 34.30 -19.68
N THR A 107 33.42 35.51 -19.70
CA THR A 107 33.51 36.44 -18.59
C THR A 107 33.07 35.80 -17.27
N THR A 108 33.98 35.75 -16.30
CA THR A 108 33.66 35.44 -14.91
C THR A 108 34.18 36.54 -13.98
N ASN A 109 34.02 36.34 -12.69
CA ASN A 109 34.72 37.15 -11.69
C ASN A 109 35.97 36.51 -11.12
N ASN A 110 36.38 35.38 -11.71
CA ASN A 110 37.60 34.71 -11.30
C ASN A 110 38.71 35.73 -11.07
N VAL A 111 39.40 35.64 -9.96
CA VAL A 111 40.67 36.35 -9.81
C VAL A 111 41.85 35.38 -9.70
N PRO A 112 42.54 35.14 -10.83
CA PRO A 112 43.53 34.08 -10.92
C PRO A 112 44.88 34.57 -10.42
N ILE A 113 45.53 33.73 -9.61
CA ILE A 113 46.87 34.04 -9.15
C ILE A 113 47.73 34.56 -10.29
N ASN A 114 47.83 33.77 -11.36
CA ASN A 114 48.70 34.12 -12.48
C ASN A 114 47.94 33.92 -13.77
N ALA A 115 47.54 35.03 -14.39
CA ALA A 115 46.61 35.00 -15.52
C ALA A 115 47.12 34.14 -16.67
N GLU A 116 48.43 34.14 -16.84
CA GLU A 116 49.10 33.42 -17.93
C GLU A 116 49.10 31.92 -17.64
N ALA A 117 49.27 31.58 -16.37
CA ALA A 117 49.16 30.19 -15.91
C ALA A 117 47.79 29.58 -16.23
N LEU A 118 46.74 30.27 -15.80
CA LEU A 118 45.38 29.90 -16.17
C LEU A 118 45.23 29.68 -17.68
N ASP A 119 45.57 30.70 -18.47
CA ASP A 119 45.36 30.60 -19.91
C ASP A 119 45.97 29.31 -20.45
N ARG A 120 47.22 29.06 -20.08
CA ARG A 120 47.97 27.91 -20.58
C ARG A 120 47.22 26.59 -20.40
N ILE A 121 46.56 26.44 -19.24
CA ILE A 121 46.09 25.13 -18.81
C ILE A 121 44.60 24.98 -19.07
N LEU A 122 44.04 25.92 -19.82
CA LEU A 122 42.65 25.86 -20.25
C LEU A 122 42.55 25.42 -21.71
N PRO A 123 41.55 24.57 -22.01
CA PRO A 123 41.34 24.01 -23.34
C PRO A 123 41.32 25.09 -24.42
N PRO A 124 42.07 24.85 -25.51
CA PRO A 124 42.40 25.86 -26.50
C PRO A 124 41.18 26.58 -27.08
N ILE A 125 40.66 26.05 -28.19
CA ILE A 125 39.85 26.83 -29.13
C ILE A 125 40.74 27.51 -30.15
N SER A 126 41.54 26.71 -30.86
CA SER A 126 42.59 27.25 -31.72
C SER A 126 42.01 27.90 -32.98
N ALA B 2 36.19 -2.67 -11.08
CA ALA B 2 36.39 -4.13 -10.88
C ALA B 2 37.49 -4.68 -11.77
N SER B 3 37.32 -5.88 -12.29
CA SER B 3 38.09 -6.33 -13.45
C SER B 3 37.23 -7.09 -14.46
N VAL B 4 37.33 -6.69 -15.72
CA VAL B 4 36.51 -7.23 -16.80
C VAL B 4 36.87 -8.68 -17.10
N VAL B 5 35.90 -9.47 -17.54
CA VAL B 5 36.17 -10.79 -18.10
C VAL B 5 36.63 -10.66 -19.56
N PRO B 6 37.45 -11.61 -20.03
CA PRO B 6 38.57 -11.28 -20.91
C PRO B 6 38.78 -9.79 -21.13
N ASN B 35 15.07 -2.59 -24.11
CA ASN B 35 15.92 -3.23 -23.11
C ASN B 35 15.82 -2.51 -21.76
N ARG B 36 14.91 -2.97 -20.90
CA ARG B 36 14.38 -2.17 -19.82
C ARG B 36 15.19 -2.31 -18.52
N GLU B 37 15.11 -1.29 -17.69
CA GLU B 37 15.89 -1.24 -16.46
C GLU B 37 15.12 -1.93 -15.32
N GLU B 38 13.80 -1.83 -15.37
CA GLU B 38 12.93 -2.64 -14.53
C GLU B 38 13.30 -4.11 -14.65
N THR B 39 13.45 -4.57 -15.88
CA THR B 39 13.75 -5.97 -16.13
C THR B 39 15.14 -6.30 -15.58
N ARG B 40 15.96 -5.26 -15.41
CA ARG B 40 17.37 -5.44 -15.11
C ARG B 40 17.63 -5.54 -13.60
N LEU B 41 17.21 -4.53 -12.86
CA LEU B 41 17.23 -4.53 -11.39
C LEU B 41 16.62 -5.80 -10.80
N LYS B 42 15.53 -6.26 -11.40
CA LYS B 42 14.86 -7.47 -10.97
C LYS B 42 15.80 -8.68 -11.00
N THR B 43 16.84 -8.65 -11.84
CA THR B 43 17.77 -9.78 -11.97
C THR B 43 18.65 -9.97 -10.74
N PHE B 44 18.90 -8.89 -10.01
CA PHE B 44 19.88 -8.87 -8.93
C PHE B 44 19.41 -9.67 -7.71
N THR B 45 18.87 -10.85 -7.99
CA THR B 45 18.36 -11.73 -6.94
C THR B 45 19.47 -12.62 -6.41
N ASP B 46 19.66 -12.59 -5.10
CA ASP B 46 20.87 -13.10 -4.45
C ASP B 46 22.15 -12.43 -4.95
N TRP B 47 22.13 -11.09 -5.03
CA TRP B 47 23.34 -10.31 -5.33
C TRP B 47 24.18 -10.07 -4.08
N PRO B 48 25.43 -10.54 -4.09
CA PRO B 48 26.27 -10.68 -2.90
C PRO B 48 26.61 -9.33 -2.26
N LEU B 49 26.70 -8.29 -3.06
CA LEU B 49 27.30 -7.04 -2.60
C LEU B 49 26.21 -6.16 -2.02
N ASP B 50 26.16 -6.05 -0.70
CA ASP B 50 25.11 -5.24 -0.06
C ASP B 50 25.39 -3.74 -0.17
N TRP B 51 26.59 -3.41 -0.65
CA TRP B 51 27.24 -2.14 -0.34
C TRP B 51 27.63 -1.47 -1.66
N LEU B 52 27.59 -2.24 -2.74
CA LEU B 52 27.56 -1.67 -4.08
C LEU B 52 26.12 -1.70 -4.59
N ASP B 53 25.59 -0.52 -4.92
CA ASP B 53 24.16 -0.35 -5.12
C ASP B 53 23.70 -0.89 -6.46
N LYS B 54 22.69 -1.77 -6.42
CA LYS B 54 22.26 -2.53 -7.58
C LYS B 54 21.22 -1.82 -8.45
N ARG B 55 20.42 -0.94 -7.85
CA ARG B 55 19.73 0.10 -8.61
C ARG B 55 20.69 0.76 -9.60
N GLN B 56 21.70 1.46 -9.06
CA GLN B 56 22.65 2.19 -9.89
C GLN B 56 23.23 1.33 -11.00
N LEU B 57 23.58 0.08 -10.69
CA LEU B 57 24.13 -0.80 -11.72
C LEU B 57 23.13 -1.04 -12.85
N ALA B 58 21.86 -1.25 -12.49
CA ALA B 58 20.81 -1.51 -13.48
C ALA B 58 20.47 -0.25 -14.26
N GLN B 59 20.27 0.85 -13.53
CA GLN B 59 20.31 2.18 -14.11
C GLN B 59 21.15 2.16 -15.38
N THR B 60 22.33 1.58 -15.28
CA THR B 60 23.39 1.90 -16.23
C THR B 60 23.72 0.70 -17.09
N GLY B 61 22.74 -0.18 -17.27
CA GLY B 61 22.78 -1.15 -18.36
C GLY B 61 23.10 -2.56 -17.93
N MET B 62 23.52 -2.73 -16.68
CA MET B 62 24.06 -4.01 -16.21
C MET B 62 22.96 -4.89 -15.63
N TYR B 63 23.10 -6.20 -15.82
CA TYR B 63 22.30 -7.20 -15.10
C TYR B 63 23.17 -8.31 -14.51
N PHE B 64 22.70 -8.92 -13.43
CA PHE B 64 23.49 -9.90 -12.71
C PHE B 64 23.50 -11.22 -13.49
N THR B 65 24.69 -11.67 -13.88
CA THR B 65 24.83 -12.93 -14.59
C THR B 65 24.39 -14.09 -13.71
N HIS B 66 24.46 -13.87 -12.40
CA HIS B 66 24.30 -14.93 -11.41
C HIS B 66 25.52 -15.83 -11.29
N ALA B 67 26.65 -15.34 -11.78
CA ALA B 67 27.94 -15.94 -11.50
C ALA B 67 28.71 -15.01 -10.56
N GLY B 68 29.02 -15.48 -9.36
CA GLY B 68 29.66 -14.63 -8.36
C GLY B 68 29.10 -13.22 -8.42
N ASP B 69 29.95 -12.24 -8.72
CA ASP B 69 29.52 -10.84 -8.70
C ASP B 69 29.69 -10.18 -10.06
N LYS B 70 29.89 -11.01 -11.08
CA LYS B 70 30.00 -10.52 -12.45
C LYS B 70 28.67 -9.94 -12.96
N VAL B 71 28.70 -8.66 -13.33
CA VAL B 71 27.57 -8.05 -14.03
C VAL B 71 27.86 -7.84 -15.51
N LYS B 72 26.79 -7.66 -16.28
CA LYS B 72 26.86 -7.58 -17.75
C LYS B 72 26.01 -6.42 -18.25
N CYS B 73 26.55 -5.63 -19.17
CA CYS B 73 25.79 -4.52 -19.76
C CYS B 73 24.96 -5.04 -20.92
N PHE B 74 23.64 -4.92 -20.82
CA PHE B 74 22.80 -5.46 -21.88
C PHE B 74 23.10 -4.81 -23.22
N PHE B 75 23.86 -3.71 -23.20
CA PHE B 75 24.06 -2.93 -24.40
C PHE B 75 25.40 -3.24 -25.06
N CYS B 76 26.51 -2.90 -24.39
CA CYS B 76 27.83 -3.10 -24.97
C CYS B 76 28.38 -4.48 -24.62
N GLY B 77 27.66 -5.20 -23.78
CA GLY B 77 27.84 -6.64 -23.62
C GLY B 77 28.93 -6.97 -22.63
N VAL B 78 29.29 -5.98 -21.81
CA VAL B 78 30.50 -6.11 -21.00
C VAL B 78 30.26 -6.66 -19.59
N GLU B 79 31.36 -7.06 -18.97
CA GLU B 79 31.32 -8.03 -17.89
C GLU B 79 32.47 -7.76 -16.94
N ILE B 80 32.16 -7.00 -15.90
CA ILE B 80 33.09 -6.64 -14.84
C ILE B 80 32.72 -7.47 -13.59
N GLY B 81 33.72 -8.06 -12.95
CA GLY B 81 33.55 -8.71 -11.65
C GLY B 81 34.58 -8.22 -10.66
N SER B 82 34.42 -8.54 -9.38
CA SER B 82 35.48 -8.27 -8.40
C SER B 82 35.64 -6.78 -8.14
N TRP B 83 34.50 -6.15 -7.85
CA TRP B 83 34.41 -4.77 -7.37
C TRP B 83 34.91 -4.60 -5.94
N GLU B 84 35.47 -3.43 -5.66
CA GLU B 84 35.85 -3.08 -4.30
C GLU B 84 35.21 -1.76 -3.84
N GLN B 85 35.54 -1.35 -2.63
CA GLN B 85 34.85 -0.22 -2.02
C GLN B 85 34.99 1.01 -2.91
N GLU B 86 36.12 1.08 -3.61
CA GLU B 86 36.46 2.26 -4.38
C GLU B 86 35.97 2.19 -5.83
N ASP B 87 35.04 1.27 -6.10
CA ASP B 87 34.58 1.03 -7.46
C ASP B 87 33.19 1.61 -7.69
N GLN B 88 33.02 2.31 -8.81
CA GLN B 88 31.81 3.06 -9.08
C GLN B 88 31.14 2.61 -10.38
N PRO B 89 29.80 2.46 -10.37
CA PRO B 89 29.05 1.93 -11.49
C PRO B 89 29.47 2.49 -12.85
N VAL B 90 29.35 3.81 -13.03
CA VAL B 90 29.61 4.41 -14.33
C VAL B 90 31.10 4.41 -14.73
N PRO B 91 31.96 5.01 -13.91
CA PRO B 91 33.31 5.26 -14.39
C PRO B 91 34.12 3.97 -14.43
N GLU B 92 33.51 2.90 -13.96
CA GLU B 92 34.12 1.58 -13.93
C GLU B 92 33.70 0.86 -15.19
N HIS B 93 32.39 0.91 -15.45
CA HIS B 93 31.79 0.52 -16.72
C HIS B 93 32.49 1.18 -17.90
N GLN B 94 32.54 2.51 -17.89
CA GLN B 94 33.17 3.28 -18.94
C GLN B 94 34.60 2.82 -19.24
N ARG B 95 35.45 2.82 -18.22
CA ARG B 95 36.88 2.52 -18.40
C ARG B 95 37.18 1.20 -19.11
N TRP B 96 36.24 0.25 -19.01
CA TRP B 96 36.41 -1.09 -19.56
C TRP B 96 35.70 -1.23 -20.90
N SER B 97 34.65 -0.45 -21.07
CA SER B 97 34.04 -0.22 -22.38
C SER B 97 34.06 1.29 -22.65
N PRO B 98 35.23 1.81 -23.06
CA PRO B 98 35.39 3.26 -23.17
C PRO B 98 34.41 3.86 -24.19
N ASN B 99 33.49 3.04 -24.69
CA ASN B 99 32.80 3.35 -25.93
C ASN B 99 31.38 2.82 -25.98
N CYS B 100 30.68 2.91 -24.87
CA CYS B 100 29.41 2.20 -24.74
C CYS B 100 28.29 3.11 -25.25
N PRO B 101 27.45 2.58 -26.17
CA PRO B 101 26.37 3.40 -26.70
C PRO B 101 25.51 4.04 -25.61
N LEU B 102 25.09 3.26 -24.61
CA LEU B 102 24.34 3.80 -23.49
C LEU B 102 25.09 4.92 -22.73
N LEU B 103 26.30 4.62 -22.28
CA LEU B 103 27.14 5.59 -21.58
C LEU B 103 27.49 6.85 -22.38
N ARG B 104 27.57 6.71 -23.71
CA ARG B 104 28.04 7.78 -24.59
C ARG B 104 26.84 8.49 -25.22
N ARG B 105 25.65 8.15 -24.72
CA ARG B 105 24.48 9.00 -24.89
C ARG B 105 24.04 9.02 -26.36
N ARG B 106 24.58 8.08 -27.13
CA ARG B 106 23.97 7.71 -28.40
C ARG B 106 22.88 6.67 -28.19
N THR B 107 22.24 6.26 -29.29
CA THR B 107 20.87 5.76 -29.28
C THR B 107 20.80 4.30 -28.85
N THR B 108 19.78 3.95 -28.07
CA THR B 108 19.59 2.58 -27.61
C THR B 108 18.12 2.27 -27.27
N ASN B 109 17.83 0.98 -27.16
CA ASN B 109 16.55 0.48 -26.70
C ASN B 109 16.11 0.99 -25.32
N ASN B 110 17.03 1.60 -24.60
CA ASN B 110 17.00 1.56 -23.13
C ASN B 110 15.79 2.26 -22.51
N VAL B 111 15.04 1.52 -21.72
CA VAL B 111 13.91 2.07 -20.96
C VAL B 111 14.26 2.24 -19.47
N PRO B 112 14.60 3.47 -19.08
CA PRO B 112 15.02 3.80 -17.73
C PRO B 112 13.84 4.16 -16.84
N ILE B 113 14.05 4.09 -15.53
CA ILE B 113 12.99 4.26 -14.55
C ILE B 113 12.71 5.74 -14.25
N ASN B 114 13.72 6.44 -13.74
CA ASN B 114 13.78 7.90 -13.88
C ASN B 114 14.79 8.28 -14.97
N ALA B 115 14.29 8.81 -16.08
CA ALA B 115 15.14 9.23 -17.19
C ALA B 115 16.27 10.15 -16.75
N GLU B 116 15.93 11.44 -16.63
CA GLU B 116 16.61 12.39 -15.73
C GLU B 116 17.78 11.88 -14.90
N ALA B 117 17.47 11.33 -13.72
CA ALA B 117 18.48 10.87 -12.77
C ALA B 117 19.63 10.24 -13.54
N LEU B 118 19.27 9.36 -14.47
CA LEU B 118 20.25 8.76 -15.36
C LEU B 118 21.13 9.83 -16.02
N ASP B 119 20.51 10.74 -16.76
CA ASP B 119 21.25 11.71 -17.55
C ASP B 119 22.15 12.56 -16.65
N ARG B 120 21.69 12.77 -15.42
CA ARG B 120 22.36 13.71 -14.53
C ARG B 120 23.58 13.07 -13.86
N ILE B 121 24.05 11.97 -14.45
CA ILE B 121 25.04 11.10 -13.82
C ILE B 121 25.79 10.26 -14.86
N LEU B 122 25.39 10.39 -16.12
CA LEU B 122 26.31 10.25 -17.24
C LEU B 122 27.03 11.56 -17.50
N PRO B 123 28.26 11.48 -18.00
CA PRO B 123 29.01 12.67 -18.38
C PRO B 123 28.46 13.31 -19.66
N PRO B 124 28.08 14.59 -19.61
CA PRO B 124 27.78 15.24 -20.88
C PRO B 124 28.88 14.96 -21.90
N ALA C 2 -24.66 -5.44 -23.22
CA ALA C 2 -23.29 -5.23 -22.67
C ALA C 2 -22.24 -5.38 -23.77
N SER C 3 -21.06 -5.84 -23.38
CA SER C 3 -19.95 -5.97 -24.32
C SER C 3 -18.86 -6.90 -23.79
N VAL C 4 -18.43 -7.86 -24.62
CA VAL C 4 -17.25 -8.66 -24.32
C VAL C 4 -16.28 -7.83 -23.49
N VAL C 5 -15.44 -8.50 -22.72
CA VAL C 5 -14.10 -8.01 -22.42
C VAL C 5 -13.07 -8.83 -23.19
N PRO C 6 -12.48 -8.25 -24.24
CA PRO C 6 -11.76 -9.02 -25.25
C PRO C 6 -10.55 -9.71 -24.63
N ILE C 7 -10.16 -10.84 -25.20
CA ILE C 7 -8.83 -11.38 -24.94
C ILE C 7 -8.45 -12.37 -26.03
N ASN C 32 -12.10 -24.41 -4.90
CA ASN C 32 -13.15 -23.45 -5.22
C ASN C 32 -13.73 -23.77 -6.59
N ASP C 33 -14.82 -24.54 -6.57
CA ASP C 33 -15.27 -25.26 -7.76
C ASP C 33 -16.39 -24.49 -8.45
N LEU C 34 -16.07 -23.83 -9.56
CA LEU C 34 -17.00 -22.90 -10.20
C LEU C 34 -17.88 -23.56 -11.25
N ASN C 35 -17.85 -24.90 -11.31
CA ASN C 35 -18.83 -25.62 -12.10
C ASN C 35 -20.17 -25.69 -11.36
N ARG C 36 -20.13 -25.39 -10.07
CA ARG C 36 -21.30 -25.53 -9.22
C ARG C 36 -22.06 -24.22 -9.21
N GLU C 37 -23.38 -24.30 -9.32
CA GLU C 37 -24.21 -23.10 -9.35
C GLU C 37 -24.09 -22.35 -8.03
N GLU C 38 -24.24 -23.07 -6.92
CA GLU C 38 -24.10 -22.54 -5.57
C GLU C 38 -22.76 -21.86 -5.27
N THR C 39 -21.68 -22.41 -5.81
CA THR C 39 -20.40 -21.71 -5.81
C THR C 39 -20.43 -20.45 -6.67
N ARG C 40 -20.89 -20.62 -7.92
CA ARG C 40 -20.94 -19.51 -8.87
C ARG C 40 -21.77 -18.36 -8.32
N LEU C 41 -22.84 -18.68 -7.60
CA LEU C 41 -23.66 -17.65 -6.95
C LEU C 41 -22.87 -16.86 -5.91
N LYS C 42 -22.02 -17.54 -5.15
CA LYS C 42 -21.37 -16.89 -4.01
C LYS C 42 -20.29 -15.88 -4.41
N THR C 43 -19.82 -15.96 -5.65
CA THR C 43 -18.97 -14.89 -6.20
C THR C 43 -19.69 -13.54 -6.27
N PHE C 44 -21.01 -13.58 -6.17
CA PHE C 44 -21.81 -12.38 -6.39
C PHE C 44 -22.20 -11.66 -5.11
N THR C 45 -21.38 -11.75 -4.08
CA THR C 45 -21.75 -11.10 -2.82
C THR C 45 -21.63 -9.58 -2.92
N ASP C 46 -20.84 -9.14 -3.89
CA ASP C 46 -20.40 -7.76 -3.95
C ASP C 46 -20.87 -7.16 -5.27
N TRP C 47 -22.07 -7.57 -5.69
CA TRP C 47 -22.61 -7.33 -7.03
C TRP C 47 -23.25 -5.94 -7.08
N PRO C 48 -22.71 -5.04 -7.93
CA PRO C 48 -23.10 -3.63 -7.94
C PRO C 48 -24.45 -3.39 -8.60
N LEU C 49 -24.94 -4.37 -9.36
CA LEU C 49 -26.08 -4.16 -10.25
C LEU C 49 -27.32 -4.85 -9.70
N ASP C 50 -28.05 -4.17 -8.82
CA ASP C 50 -29.31 -4.68 -8.27
C ASP C 50 -30.23 -5.12 -9.40
N TRP C 51 -30.30 -4.30 -10.45
CA TRP C 51 -31.28 -4.49 -11.51
C TRP C 51 -31.00 -5.69 -12.40
N LEU C 52 -29.77 -6.20 -12.38
CA LEU C 52 -29.47 -7.42 -13.11
C LEU C 52 -29.30 -8.58 -12.16
N ASP C 53 -30.03 -9.67 -12.43
CA ASP C 53 -30.13 -10.78 -11.49
C ASP C 53 -28.82 -11.56 -11.41
N LYS C 54 -28.25 -11.62 -10.21
CA LYS C 54 -27.05 -12.40 -9.96
C LYS C 54 -27.30 -13.90 -10.00
N ARG C 55 -28.50 -14.31 -9.59
CA ARG C 55 -28.91 -15.71 -9.64
C ARG C 55 -28.85 -16.23 -11.07
N GLN C 56 -29.65 -15.63 -11.96
CA GLN C 56 -29.75 -16.08 -13.34
C GLN C 56 -28.42 -16.01 -14.08
N LEU C 57 -27.54 -15.12 -13.62
CA LEU C 57 -26.18 -15.12 -14.14
C LEU C 57 -25.41 -16.37 -13.67
N ALA C 58 -25.58 -16.73 -12.40
CA ALA C 58 -24.88 -17.89 -11.84
C ALA C 58 -25.42 -19.20 -12.42
N GLN C 59 -26.74 -19.27 -12.59
CA GLN C 59 -27.40 -20.41 -13.24
C GLN C 59 -26.78 -20.73 -14.58
N THR C 60 -26.58 -19.66 -15.36
CA THR C 60 -26.39 -19.75 -16.80
C THR C 60 -24.91 -19.53 -17.12
N GLY C 61 -24.08 -19.86 -16.15
CA GLY C 61 -22.67 -20.14 -16.42
C GLY C 61 -21.80 -19.19 -15.65
N MET C 62 -22.35 -18.05 -15.26
CA MET C 62 -21.52 -16.89 -14.99
C MET C 62 -21.12 -16.78 -13.52
N TYR C 63 -19.85 -16.45 -13.28
CA TYR C 63 -19.45 -15.92 -11.99
C TYR C 63 -18.90 -14.50 -12.08
N PHE C 64 -18.61 -13.90 -10.93
CA PHE C 64 -18.25 -12.49 -10.86
C PHE C 64 -16.76 -12.34 -10.55
N THR C 65 -16.04 -11.68 -11.45
CA THR C 65 -14.61 -11.43 -11.31
C THR C 65 -14.30 -10.53 -10.13
N HIS C 66 -15.29 -9.72 -9.75
CA HIS C 66 -15.12 -8.69 -8.73
C HIS C 66 -14.50 -7.41 -9.26
N ALA C 67 -14.18 -7.43 -10.55
CA ALA C 67 -13.58 -6.27 -11.20
C ALA C 67 -14.65 -5.57 -12.02
N GLY C 68 -14.63 -4.23 -11.99
CA GLY C 68 -15.78 -3.45 -12.41
C GLY C 68 -17.08 -4.21 -12.23
N ASP C 69 -17.58 -4.79 -13.32
CA ASP C 69 -18.95 -5.30 -13.37
C ASP C 69 -19.03 -6.57 -14.20
N LYS C 70 -17.89 -7.21 -14.41
CA LYS C 70 -17.75 -8.16 -15.51
C LYS C 70 -17.78 -9.63 -15.09
N VAL C 71 -18.78 -10.32 -15.61
CA VAL C 71 -19.06 -11.71 -15.26
C VAL C 71 -18.29 -12.59 -16.24
N LYS C 72 -17.96 -13.80 -15.80
CA LYS C 72 -17.25 -14.76 -16.63
C LYS C 72 -18.06 -16.06 -16.65
N CYS C 73 -18.01 -16.78 -17.76
CA CYS C 73 -18.68 -18.08 -17.86
C CYS C 73 -17.68 -19.22 -17.58
N PHE C 74 -17.96 -20.07 -16.60
CA PHE C 74 -17.02 -21.16 -16.31
C PHE C 74 -16.80 -22.03 -17.54
N PHE C 75 -17.70 -21.90 -18.52
CA PHE C 75 -17.96 -22.97 -19.49
C PHE C 75 -17.47 -22.65 -20.92
N CYS C 76 -17.43 -21.38 -21.29
CA CYS C 76 -16.93 -21.01 -22.61
C CYS C 76 -15.79 -20.01 -22.55
N GLY C 77 -15.51 -19.51 -21.34
CA GLY C 77 -14.50 -18.48 -21.14
C GLY C 77 -15.02 -17.05 -21.26
N VAL C 78 -16.06 -16.84 -22.06
CA VAL C 78 -16.41 -15.46 -22.42
C VAL C 78 -16.43 -14.55 -21.21
N GLU C 79 -15.85 -13.36 -21.35
CA GLU C 79 -16.03 -12.28 -20.39
C GLU C 79 -17.03 -11.26 -20.89
N ILE C 80 -17.85 -10.75 -19.98
CA ILE C 80 -18.82 -9.72 -20.33
C ILE C 80 -19.04 -8.76 -19.16
N GLY C 81 -18.77 -7.48 -19.39
CA GLY C 81 -19.17 -6.44 -18.45
C GLY C 81 -19.85 -5.32 -19.21
N SER C 82 -20.08 -4.20 -18.53
CA SER C 82 -20.62 -3.01 -19.17
C SER C 82 -22.12 -3.16 -19.38
N TRP C 83 -22.77 -3.86 -18.46
CA TRP C 83 -24.20 -4.13 -18.59
C TRP C 83 -25.00 -2.83 -18.77
N GLU C 84 -26.17 -2.97 -19.40
CA GLU C 84 -27.12 -1.85 -19.52
C GLU C 84 -28.56 -2.36 -19.38
N GLN C 85 -29.44 -1.51 -18.86
CA GLN C 85 -30.67 -1.96 -18.21
C GLN C 85 -31.60 -2.72 -19.15
N GLU C 86 -31.38 -2.60 -20.45
CA GLU C 86 -32.17 -3.31 -21.44
C GLU C 86 -31.81 -4.80 -21.51
N ASP C 87 -30.62 -5.10 -21.00
CA ASP C 87 -30.00 -6.41 -21.22
C ASP C 87 -30.68 -7.58 -20.51
N GLN C 88 -30.44 -8.79 -21.02
CA GLN C 88 -30.92 -10.01 -20.39
C GLN C 88 -29.76 -10.99 -20.21
N PRO C 89 -29.78 -11.79 -19.13
CA PRO C 89 -28.64 -12.67 -18.88
C PRO C 89 -28.37 -13.64 -20.02
N VAL C 90 -29.39 -14.40 -20.44
CA VAL C 90 -29.20 -15.36 -21.52
C VAL C 90 -28.77 -14.71 -22.84
N PRO C 91 -29.64 -13.84 -23.41
CA PRO C 91 -29.38 -13.21 -24.71
C PRO C 91 -28.08 -12.41 -24.87
N GLU C 92 -27.49 -11.89 -23.79
CA GLU C 92 -26.19 -11.26 -23.96
C GLU C 92 -25.08 -12.30 -23.86
N HIS C 93 -25.39 -13.40 -23.19
CA HIS C 93 -24.52 -14.58 -23.15
C HIS C 93 -24.68 -15.26 -24.50
N GLN C 94 -25.94 -15.40 -24.91
CA GLN C 94 -26.30 -16.08 -26.15
C GLN C 94 -25.84 -15.26 -27.35
N ARG C 95 -25.25 -14.11 -27.08
CA ARG C 95 -24.86 -13.19 -28.14
C ARG C 95 -23.34 -13.18 -28.33
N TRP C 96 -22.59 -13.00 -27.25
CA TRP C 96 -21.13 -12.94 -27.37
C TRP C 96 -20.44 -14.30 -27.40
N SER C 97 -21.14 -15.35 -27.00
CA SER C 97 -20.58 -16.70 -27.05
C SER C 97 -21.68 -17.73 -27.32
N PRO C 98 -21.91 -18.06 -28.61
CA PRO C 98 -23.11 -18.76 -29.07
C PRO C 98 -22.83 -20.24 -29.28
N ASN C 99 -21.56 -20.61 -29.23
CA ASN C 99 -21.18 -22.02 -29.31
C ASN C 99 -21.02 -22.60 -27.91
N CYS C 100 -21.64 -21.94 -26.94
CA CYS C 100 -21.37 -22.20 -25.53
C CYS C 100 -22.02 -23.48 -25.06
N PRO C 101 -21.20 -24.41 -24.53
CA PRO C 101 -21.61 -25.80 -24.35
C PRO C 101 -22.82 -25.86 -23.43
N LEU C 102 -22.90 -24.90 -22.51
CA LEU C 102 -23.98 -24.89 -21.54
C LEU C 102 -25.31 -24.54 -22.22
N LEU C 103 -25.35 -23.38 -22.86
CA LEU C 103 -26.57 -22.91 -23.50
C LEU C 103 -26.92 -23.76 -24.72
N ARG C 104 -25.90 -24.37 -25.32
CA ARG C 104 -26.17 -25.31 -26.40
C ARG C 104 -26.59 -26.67 -25.86
N ARG C 105 -26.81 -26.73 -24.56
CA ARG C 105 -27.51 -27.85 -23.93
C ARG C 105 -26.75 -29.16 -24.06
N ARG C 106 -25.42 -29.08 -24.15
CA ARG C 106 -24.60 -30.29 -24.17
C ARG C 106 -24.05 -30.62 -22.78
N THR C 107 -23.37 -31.75 -22.65
CA THR C 107 -22.98 -32.26 -21.34
C THR C 107 -21.86 -31.44 -20.72
N THR C 108 -22.12 -30.89 -19.53
CA THR C 108 -21.11 -30.18 -18.74
C THR C 108 -20.98 -30.82 -17.36
N ASN C 109 -19.95 -30.41 -16.63
CA ASN C 109 -19.82 -30.72 -15.21
C ASN C 109 -20.54 -29.69 -14.35
N ASN C 110 -21.57 -29.07 -14.90
CA ASN C 110 -22.37 -28.13 -14.15
C ASN C 110 -23.13 -28.86 -13.06
N VAL C 111 -23.56 -28.10 -12.05
CA VAL C 111 -24.27 -28.63 -10.89
C VAL C 111 -25.31 -27.59 -10.45
N PRO C 112 -26.52 -27.69 -11.01
CA PRO C 112 -27.49 -26.60 -10.93
C PRO C 112 -28.18 -26.68 -9.58
N ILE C 113 -28.23 -25.57 -8.87
CA ILE C 113 -29.08 -25.49 -7.69
C ILE C 113 -30.40 -26.18 -8.05
N ASN C 114 -31.12 -25.60 -8.99
CA ASN C 114 -32.37 -26.15 -9.50
C ASN C 114 -32.24 -26.33 -10.99
N ALA C 115 -32.58 -27.50 -11.49
CA ALA C 115 -32.11 -27.94 -12.80
C ALA C 115 -33.21 -27.78 -13.83
N GLU C 116 -34.44 -28.09 -13.42
CA GLU C 116 -35.60 -27.89 -14.26
C GLU C 116 -36.14 -26.47 -14.10
N ALA C 117 -35.27 -25.58 -13.60
CA ALA C 117 -35.36 -24.14 -13.89
C ALA C 117 -34.31 -23.67 -14.90
N LEU C 118 -33.12 -24.27 -14.84
CA LEU C 118 -32.08 -24.02 -15.85
C LEU C 118 -32.52 -24.54 -17.22
N ASP C 119 -33.48 -25.46 -17.20
CA ASP C 119 -34.05 -26.06 -18.40
C ASP C 119 -34.73 -25.02 -19.30
N ARG C 120 -35.75 -24.36 -18.75
CA ARG C 120 -36.69 -23.58 -19.55
C ARG C 120 -36.06 -22.33 -20.17
N ILE C 121 -34.81 -22.06 -19.79
CA ILE C 121 -34.32 -20.69 -19.68
C ILE C 121 -33.06 -20.53 -20.53
N LEU C 122 -32.93 -21.41 -21.52
CA LEU C 122 -31.70 -21.56 -22.29
C LEU C 122 -32.05 -21.53 -23.77
N ALA D 2 -24.49 8.14 -25.87
CA ALA D 2 -24.66 8.75 -27.23
C ALA D 2 -26.12 8.85 -27.65
N SER D 3 -26.40 9.75 -28.58
CA SER D 3 -27.57 9.63 -29.47
C SER D 3 -27.22 9.61 -30.96
N VAL D 4 -28.17 9.18 -31.80
CA VAL D 4 -28.07 9.40 -33.25
C VAL D 4 -28.17 10.88 -33.58
N VAL D 5 -27.89 11.21 -34.84
CA VAL D 5 -28.55 12.32 -35.53
C VAL D 5 -29.50 11.73 -36.57
N PRO D 6 -30.82 11.89 -36.35
CA PRO D 6 -31.72 11.36 -37.35
C PRO D 6 -32.14 12.46 -38.34
N ILE D 7 -31.90 12.21 -39.63
CA ILE D 7 -32.61 12.91 -40.70
C ILE D 7 -31.67 13.23 -41.86
N ASP D 33 -12.21 6.95 -49.63
CA ASP D 33 -11.08 6.10 -49.28
C ASP D 33 -11.27 5.53 -47.87
N LEU D 34 -12.51 5.51 -47.39
CA LEU D 34 -12.79 5.46 -45.97
C LEU D 34 -13.08 4.03 -45.51
N ASN D 35 -13.38 3.17 -46.47
CA ASN D 35 -13.37 1.74 -46.26
C ASN D 35 -12.04 1.25 -45.68
N ARG D 36 -11.02 2.11 -45.73
CA ARG D 36 -9.77 1.82 -45.03
C ARG D 36 -9.77 2.43 -43.63
N GLU D 37 -9.38 1.62 -42.64
CA GLU D 37 -9.21 2.13 -41.28
C GLU D 37 -8.18 3.25 -41.25
N GLU D 38 -7.03 3.03 -41.90
CA GLU D 38 -5.95 4.01 -41.92
C GLU D 38 -6.52 5.37 -42.29
N THR D 39 -7.19 5.43 -43.43
CA THR D 39 -7.92 6.62 -43.81
C THR D 39 -8.98 6.96 -42.76
N ARG D 40 -9.68 5.95 -42.26
CA ARG D 40 -10.74 6.18 -41.30
C ARG D 40 -10.23 6.86 -40.02
N LEU D 41 -9.16 6.31 -39.45
CA LEU D 41 -8.60 6.84 -38.22
C LEU D 41 -8.00 8.23 -38.38
N LYS D 42 -7.30 8.45 -39.50
CA LYS D 42 -6.68 9.74 -39.80
C LYS D 42 -7.71 10.87 -39.86
N THR D 43 -8.98 10.51 -39.85
CA THR D 43 -10.07 11.47 -39.96
C THR D 43 -10.23 12.29 -38.68
N PHE D 44 -9.89 11.69 -37.55
CA PHE D 44 -10.34 12.17 -36.23
C PHE D 44 -9.53 13.35 -35.72
N THR D 45 -8.60 13.84 -36.54
CA THR D 45 -7.88 15.08 -36.25
C THR D 45 -8.80 16.17 -35.73
N ASP D 46 -8.43 16.77 -34.61
CA ASP D 46 -9.25 17.80 -33.97
C ASP D 46 -10.43 17.24 -33.18
N TRP D 47 -10.32 15.98 -32.77
CA TRP D 47 -11.40 15.24 -32.10
C TRP D 47 -11.44 15.57 -30.61
N PRO D 48 -12.62 15.97 -30.10
CA PRO D 48 -12.75 16.53 -28.75
C PRO D 48 -12.49 15.51 -27.65
N LEU D 49 -13.21 14.39 -27.72
CA LEU D 49 -13.20 13.44 -26.61
C LEU D 49 -11.85 12.73 -26.58
N ASP D 50 -10.94 13.27 -25.77
CA ASP D 50 -9.66 12.60 -25.51
C ASP D 50 -9.91 11.20 -24.95
N TRP D 51 -10.99 11.04 -24.20
CA TRP D 51 -11.17 9.90 -23.34
C TRP D 51 -11.97 8.81 -24.07
N LEU D 52 -12.55 9.17 -25.22
CA LEU D 52 -13.09 8.16 -26.11
C LEU D 52 -12.13 7.81 -27.25
N ASP D 53 -11.84 6.53 -27.36
CA ASP D 53 -10.73 6.00 -28.15
C ASP D 53 -10.96 6.12 -29.66
N LYS D 54 -10.21 6.98 -30.32
CA LYS D 54 -10.34 7.16 -31.77
C LYS D 54 -9.88 5.98 -32.62
N ARG D 55 -9.07 5.10 -32.03
CA ARG D 55 -8.67 3.85 -32.68
C ARG D 55 -9.85 2.88 -32.73
N GLN D 56 -10.61 2.83 -31.64
CA GLN D 56 -11.80 2.00 -31.57
C GLN D 56 -12.87 2.47 -32.54
N LEU D 57 -13.16 3.77 -32.52
CA LEU D 57 -14.26 4.31 -33.31
C LEU D 57 -14.08 4.03 -34.81
N ALA D 58 -12.86 4.23 -35.32
CA ALA D 58 -12.57 3.98 -36.73
C ALA D 58 -12.29 2.51 -37.03
N GLN D 59 -12.07 1.72 -35.98
CA GLN D 59 -11.97 0.27 -36.13
C GLN D 59 -13.35 -0.34 -36.32
N THR D 60 -14.35 0.33 -35.76
CA THR D 60 -15.71 -0.19 -35.76
C THR D 60 -16.49 0.56 -36.85
N GLY D 61 -15.74 1.29 -37.67
CA GLY D 61 -16.25 1.79 -38.94
C GLY D 61 -16.69 3.24 -38.90
N MET D 62 -16.18 4.01 -37.94
CA MET D 62 -16.58 5.42 -37.81
C MET D 62 -15.63 6.37 -38.53
N TYR D 63 -16.16 7.51 -38.99
CA TYR D 63 -15.32 8.66 -39.26
C TYR D 63 -15.90 9.97 -38.71
N PHE D 64 -15.03 10.98 -38.55
CA PHE D 64 -15.36 12.18 -37.81
C PHE D 64 -16.05 13.22 -38.69
N THR D 65 -17.34 13.44 -38.47
CA THR D 65 -18.06 14.44 -39.26
C THR D 65 -17.31 15.76 -39.25
N HIS D 66 -16.48 15.94 -38.22
CA HIS D 66 -15.88 17.24 -37.90
C HIS D 66 -16.92 18.30 -37.52
N ALA D 67 -18.11 17.84 -37.15
CA ALA D 67 -19.05 18.64 -36.37
C ALA D 67 -19.19 18.02 -34.98
N GLY D 68 -19.85 18.75 -34.07
CA GLY D 68 -19.92 18.35 -32.66
C GLY D 68 -18.88 17.35 -32.21
N ASP D 69 -19.33 16.37 -31.43
CA ASP D 69 -18.52 15.19 -31.19
C ASP D 69 -19.04 14.06 -32.07
N LYS D 70 -19.82 14.41 -33.07
CA LYS D 70 -20.48 13.44 -33.92
C LYS D 70 -19.50 12.67 -34.81
N VAL D 71 -19.80 11.39 -35.02
CA VAL D 71 -19.08 10.54 -35.95
C VAL D 71 -20.09 9.78 -36.79
N LYS D 72 -19.63 9.21 -37.91
CA LYS D 72 -20.51 8.49 -38.84
C LYS D 72 -19.90 7.18 -39.33
N CYS D 73 -20.73 6.19 -39.66
CA CYS D 73 -20.26 4.90 -40.15
C CYS D 73 -20.34 4.81 -41.68
N PHE D 74 -19.21 4.51 -42.33
CA PHE D 74 -19.19 4.38 -43.78
C PHE D 74 -20.12 3.29 -44.31
N PHE D 75 -20.47 2.34 -43.43
CA PHE D 75 -21.02 1.09 -43.91
C PHE D 75 -22.53 1.04 -43.77
N CYS D 76 -23.06 1.85 -42.86
CA CYS D 76 -24.49 1.89 -42.63
C CYS D 76 -24.95 3.33 -42.43
N GLY D 77 -24.03 4.27 -42.61
CA GLY D 77 -24.37 5.68 -42.62
C GLY D 77 -24.96 6.17 -41.30
N VAL D 78 -24.70 5.45 -40.22
CA VAL D 78 -25.20 5.87 -38.91
C VAL D 78 -24.31 6.95 -38.33
N GLU D 79 -24.93 8.00 -37.82
CA GLU D 79 -24.21 9.08 -37.18
C GLU D 79 -24.67 9.29 -35.74
N ILE D 80 -23.70 9.22 -34.83
CA ILE D 80 -23.96 9.08 -33.41
C ILE D 80 -23.13 10.15 -32.72
N GLY D 81 -23.76 10.86 -31.78
CA GLY D 81 -23.16 12.04 -31.19
C GLY D 81 -23.21 11.98 -29.68
N SER D 82 -22.54 12.94 -29.04
CA SER D 82 -22.79 13.24 -27.64
C SER D 82 -22.49 12.07 -26.72
N TRP D 83 -21.21 11.68 -26.67
CA TRP D 83 -20.81 10.43 -26.06
C TRP D 83 -20.67 10.53 -24.55
N GLU D 84 -20.87 9.40 -23.87
CA GLU D 84 -20.71 9.31 -22.42
C GLU D 84 -19.51 8.45 -22.11
N GLN D 85 -19.03 8.56 -20.88
CA GLN D 85 -18.24 7.52 -20.24
C GLN D 85 -18.85 6.12 -20.37
N GLU D 86 -20.17 6.05 -20.38
CA GLU D 86 -20.85 4.76 -20.52
C GLU D 86 -20.45 4.08 -21.82
N ASP D 87 -21.32 4.20 -22.82
CA ASP D 87 -21.01 4.01 -24.22
C ASP D 87 -19.59 3.54 -24.54
N GLN D 88 -19.50 2.34 -25.12
CA GLN D 88 -18.40 1.98 -26.03
C GLN D 88 -18.81 2.13 -27.49
N PRO D 89 -17.86 1.89 -28.41
CA PRO D 89 -18.13 2.06 -29.83
C PRO D 89 -19.11 1.05 -30.44
N VAL D 90 -18.84 -0.24 -30.28
CA VAL D 90 -19.57 -1.29 -30.98
C VAL D 90 -21.04 -1.34 -30.56
N PRO D 91 -21.29 -1.55 -29.27
CA PRO D 91 -22.65 -1.80 -28.82
C PRO D 91 -23.44 -0.50 -28.82
N GLU D 92 -22.71 0.62 -28.83
CA GLU D 92 -23.34 1.91 -28.97
C GLU D 92 -23.78 2.15 -30.40
N HIS D 93 -22.87 1.85 -31.32
CA HIS D 93 -23.17 1.71 -32.74
C HIS D 93 -24.30 0.71 -33.01
N GLN D 94 -24.22 -0.46 -32.38
CA GLN D 94 -25.14 -1.56 -32.66
C GLN D 94 -26.57 -1.25 -32.22
N ARG D 95 -26.72 -0.36 -31.25
CA ARG D 95 -28.04 -0.11 -30.69
C ARG D 95 -28.84 0.81 -31.60
N TRP D 96 -28.13 1.62 -32.37
CA TRP D 96 -28.76 2.59 -33.26
C TRP D 96 -29.02 2.02 -34.66
N SER D 97 -28.09 1.25 -35.17
CA SER D 97 -28.29 0.48 -36.39
C SER D 97 -27.88 -0.97 -36.20
N PRO D 98 -28.83 -1.84 -35.81
CA PRO D 98 -28.53 -3.24 -35.51
C PRO D 98 -28.21 -4.12 -36.74
N ASN D 99 -28.30 -3.56 -37.94
CA ASN D 99 -28.04 -4.33 -39.15
C ASN D 99 -26.89 -3.79 -40.01
N CYS D 100 -26.02 -2.99 -39.39
CA CYS D 100 -24.78 -2.59 -40.05
C CYS D 100 -23.97 -3.77 -40.59
N PRO D 101 -23.67 -3.77 -41.91
CA PRO D 101 -22.97 -4.86 -42.58
C PRO D 101 -21.62 -5.19 -41.95
N LEU D 102 -20.99 -4.20 -41.33
CA LEU D 102 -19.69 -4.44 -40.70
C LEU D 102 -19.82 -5.19 -39.37
N LEU D 103 -20.80 -4.80 -38.55
CA LEU D 103 -20.95 -5.39 -37.24
C LEU D 103 -21.62 -6.76 -37.26
N ARG D 104 -22.76 -6.85 -37.96
CA ARG D 104 -23.47 -8.11 -38.10
C ARG D 104 -22.59 -9.11 -38.85
N ARG D 105 -21.37 -8.67 -39.14
CA ARG D 105 -20.30 -9.55 -39.60
C ARG D 105 -20.59 -10.09 -40.98
N ARG D 106 -21.12 -9.24 -41.85
CA ARG D 106 -21.19 -9.58 -43.26
C ARG D 106 -20.07 -8.95 -44.08
N THR D 107 -19.83 -9.49 -45.27
CA THR D 107 -18.77 -9.03 -46.16
C THR D 107 -19.00 -7.61 -46.68
N THR D 108 -18.06 -6.72 -46.36
CA THR D 108 -17.98 -5.39 -46.95
C THR D 108 -16.65 -5.25 -47.65
N ASN D 109 -16.31 -4.02 -48.06
CA ASN D 109 -14.94 -3.71 -48.45
C ASN D 109 -14.18 -2.85 -47.46
N ASN D 110 -14.49 -2.99 -46.17
CA ASN D 110 -13.58 -2.54 -45.13
C ASN D 110 -12.19 -3.13 -45.34
N VAL D 111 -11.16 -2.33 -45.06
CA VAL D 111 -9.80 -2.83 -44.89
C VAL D 111 -9.29 -2.49 -43.49
N PRO D 112 -9.36 -3.45 -42.56
CA PRO D 112 -8.82 -3.29 -41.21
C PRO D 112 -7.31 -3.16 -41.25
N ILE D 113 -6.70 -2.85 -40.10
CA ILE D 113 -5.25 -2.75 -39.99
C ILE D 113 -4.74 -3.85 -39.05
N ASN D 114 -5.67 -4.53 -38.39
CA ASN D 114 -5.41 -5.86 -37.87
C ASN D 114 -6.70 -6.64 -37.62
N ALA D 115 -7.10 -7.42 -38.62
CA ALA D 115 -8.48 -7.90 -38.70
C ALA D 115 -8.75 -9.08 -37.78
N GLU D 116 -7.74 -9.52 -37.04
CA GLU D 116 -7.94 -10.54 -36.02
C GLU D 116 -8.25 -9.91 -34.66
N ALA D 117 -7.86 -8.64 -34.53
CA ALA D 117 -8.05 -7.90 -33.29
C ALA D 117 -9.35 -7.11 -33.33
N LEU D 118 -9.87 -6.92 -34.55
CA LEU D 118 -11.26 -6.52 -34.75
C LEU D 118 -12.22 -7.69 -34.61
N ASP D 119 -11.91 -8.78 -35.31
CA ASP D 119 -12.53 -10.08 -35.03
C ASP D 119 -12.78 -10.19 -33.53
N ARG D 120 -11.72 -9.92 -32.76
CA ARG D 120 -11.76 -10.04 -31.31
C ARG D 120 -12.98 -9.40 -30.64
N ILE D 121 -13.43 -8.26 -31.19
CA ILE D 121 -14.38 -7.40 -30.50
C ILE D 121 -15.72 -7.27 -31.23
N LEU D 122 -15.89 -7.97 -32.34
CA LEU D 122 -17.04 -7.75 -33.22
C LEU D 122 -18.24 -8.58 -32.79
N PRO D 123 -18.04 -9.89 -32.56
CA PRO D 123 -19.20 -10.78 -32.48
C PRO D 123 -20.18 -10.29 -31.41
N ALA E 2 -9.69 -6.75 34.70
CA ALA E 2 -9.19 -6.34 36.05
C ALA E 2 -10.32 -6.30 37.08
N SER E 3 -10.06 -5.69 38.24
CA SER E 3 -11.06 -5.56 39.29
C SER E 3 -11.10 -4.16 39.90
N VAL E 4 -12.29 -3.70 40.28
CA VAL E 4 -12.41 -2.45 41.01
C VAL E 4 -11.67 -2.56 42.35
N VAL E 5 -11.05 -1.47 42.78
CA VAL E 5 -10.76 -1.31 44.20
C VAL E 5 -12.00 -0.83 44.94
N PRO E 6 -12.74 -1.76 45.57
CA PRO E 6 -13.84 -1.26 46.37
C PRO E 6 -13.35 -0.21 47.37
N ILE E 7 -13.71 1.04 47.13
CA ILE E 7 -13.94 2.01 48.19
C ILE E 7 -15.06 2.94 47.78
N ASN E 32 0.31 18.82 39.51
CA ASN E 32 0.48 17.94 38.36
C ASN E 32 -0.57 18.08 37.27
N ASP E 33 -1.84 18.10 37.66
CA ASP E 33 -2.93 18.40 36.71
C ASP E 33 -3.21 17.17 35.87
N LEU E 34 -4.16 16.34 36.30
CA LEU E 34 -4.34 15.04 35.65
C LEU E 34 -5.31 15.02 34.47
N ASN E 35 -6.13 16.05 34.36
CA ASN E 35 -6.84 16.33 33.10
C ASN E 35 -5.98 16.27 31.85
N ARG E 36 -4.69 16.54 31.98
CA ARG E 36 -3.77 16.56 30.85
C ARG E 36 -3.22 15.18 30.56
N GLU E 37 -3.72 14.55 29.50
CA GLU E 37 -3.20 13.25 29.05
C GLU E 37 -1.73 13.08 29.35
N GLU E 38 -0.90 13.58 28.44
CA GLU E 38 0.34 14.29 28.76
C GLU E 38 0.90 14.08 30.18
N THR E 39 0.10 14.37 31.21
CA THR E 39 0.58 14.34 32.58
C THR E 39 0.19 13.03 33.28
N ARG E 40 -0.96 12.48 32.89
CA ARG E 40 -1.34 11.11 33.21
C ARG E 40 -0.29 10.09 32.76
N LEU E 41 0.30 10.37 31.61
CA LEU E 41 1.23 9.46 30.95
C LEU E 41 2.52 9.46 31.75
N LYS E 42 2.73 10.55 32.46
CA LYS E 42 3.97 10.78 33.19
C LYS E 42 3.98 9.96 34.49
N THR E 43 2.83 9.41 34.84
CA THR E 43 2.71 8.64 36.10
C THR E 43 3.00 7.15 35.89
N PHE E 44 3.06 6.74 34.63
CA PHE E 44 3.38 5.35 34.31
C PHE E 44 4.88 5.05 34.20
N THR E 45 5.73 6.07 34.20
CA THR E 45 7.14 5.83 34.47
C THR E 45 7.20 4.89 35.67
N ASP E 46 7.74 3.70 35.47
CA ASP E 46 7.81 2.73 36.58
C ASP E 46 6.55 1.88 36.73
N TRP E 47 5.74 1.84 35.68
CA TRP E 47 4.55 0.98 35.62
C TRP E 47 4.96 -0.45 35.28
N PRO E 48 4.45 -1.44 36.05
CA PRO E 48 5.04 -2.78 36.02
C PRO E 48 4.56 -3.63 34.86
N LEU E 49 3.37 -3.31 34.34
CA LEU E 49 2.80 -4.11 33.27
C LEU E 49 3.38 -3.69 31.93
N ASP E 50 4.43 -4.38 31.50
CA ASP E 50 5.13 -3.99 30.29
C ASP E 50 4.33 -4.43 29.07
N TRP E 51 3.09 -4.85 29.29
CA TRP E 51 2.31 -5.53 28.25
C TRP E 51 0.85 -5.09 28.29
N LEU E 52 0.57 -4.06 29.09
CA LEU E 52 -0.59 -3.22 28.85
C LEU E 52 -0.09 -1.84 28.44
N ASP E 53 -0.58 -1.34 27.30
CA ASP E 53 -0.16 -0.02 26.80
C ASP E 53 -0.57 1.09 27.78
N LYS E 54 0.44 1.67 28.42
CA LYS E 54 0.24 2.75 29.35
C LYS E 54 -0.08 4.09 28.65
N ARG E 55 0.46 4.30 27.46
CA ARG E 55 0.08 5.46 26.64
C ARG E 55 -1.44 5.48 26.51
N GLN E 56 -2.00 4.31 26.21
CA GLN E 56 -3.42 4.09 26.01
C GLN E 56 -4.30 4.35 27.22
N LEU E 57 -3.85 3.94 28.40
CA LEU E 57 -4.64 4.17 29.61
C LEU E 57 -4.69 5.66 29.91
N ALA E 58 -3.53 6.28 30.06
CA ALA E 58 -3.44 7.74 30.08
C ALA E 58 -4.52 8.41 29.23
N GLN E 59 -4.23 8.54 27.93
CA GLN E 59 -5.28 8.64 26.92
C GLN E 59 -6.67 8.48 27.52
N THR E 60 -7.01 7.26 27.92
CA THR E 60 -8.39 6.87 28.22
C THR E 60 -8.78 7.11 29.68
N GLY E 61 -8.11 8.05 30.33
CA GLY E 61 -8.69 8.73 31.49
C GLY E 61 -7.94 8.46 32.78
N MET E 62 -6.72 7.95 32.66
CA MET E 62 -6.19 6.99 33.64
C MET E 62 -4.80 7.39 34.12
N TYR E 63 -4.60 7.31 35.44
CA TYR E 63 -3.28 7.55 35.98
C TYR E 63 -2.86 6.47 36.98
N PHE E 64 -1.55 6.27 37.08
CA PHE E 64 -0.98 5.21 37.89
C PHE E 64 -0.67 5.75 39.27
N THR E 65 -1.06 4.98 40.28
CA THR E 65 -1.06 5.42 41.67
C THR E 65 0.31 5.14 42.23
N HIS E 66 0.96 4.16 41.60
CA HIS E 66 2.24 3.62 42.02
C HIS E 66 2.14 2.56 43.10
N ALA E 67 0.91 2.11 43.35
CA ALA E 67 0.70 0.92 44.18
C ALA E 67 0.14 -0.22 43.33
N GLY E 68 0.82 -1.36 43.34
CA GLY E 68 0.40 -2.54 42.58
C GLY E 68 0.27 -2.27 41.09
N ASP E 69 -0.89 -2.59 40.53
CA ASP E 69 -1.22 -2.26 39.14
C ASP E 69 -2.44 -1.35 39.09
N LYS E 70 -2.93 -1.00 40.26
CA LYS E 70 -4.02 -0.03 40.42
C LYS E 70 -3.77 1.23 39.60
N VAL E 71 -4.63 1.44 38.60
CA VAL E 71 -4.81 2.75 38.00
C VAL E 71 -6.08 3.42 38.51
N LYS E 72 -6.08 4.74 38.43
CA LYS E 72 -7.24 5.55 38.76
C LYS E 72 -7.58 6.43 37.55
N CYS E 73 -8.86 6.79 37.42
CA CYS E 73 -9.33 7.71 36.37
C CYS E 73 -9.50 9.13 36.89
N PHE E 74 -8.99 10.11 36.16
CA PHE E 74 -9.24 11.48 36.54
C PHE E 74 -10.72 11.84 36.56
N PHE E 75 -11.51 11.21 35.69
CA PHE E 75 -12.80 11.76 35.25
C PHE E 75 -14.00 11.16 35.98
N CYS E 76 -13.81 9.98 36.56
CA CYS E 76 -14.90 9.23 37.18
C CYS E 76 -14.50 8.64 38.54
N GLY E 77 -13.21 8.62 38.84
CA GLY E 77 -12.73 8.18 40.15
C GLY E 77 -12.43 6.69 40.25
N VAL E 78 -12.81 5.93 39.24
CA VAL E 78 -12.73 4.47 39.35
C VAL E 78 -11.28 4.02 39.18
N GLU E 79 -10.83 3.13 40.06
CA GLU E 79 -9.51 2.51 39.87
C GLU E 79 -9.54 1.00 39.89
N ILE E 80 -8.53 0.38 39.28
CA ILE E 80 -8.71 -0.94 38.69
C ILE E 80 -7.42 -1.76 38.65
N GLY E 81 -7.20 -2.58 39.67
CA GLY E 81 -5.99 -3.39 39.74
C GLY E 81 -6.18 -4.82 39.27
N SER E 82 -5.14 -5.63 39.41
CA SER E 82 -5.28 -7.05 39.14
C SER E 82 -5.77 -7.24 37.71
N TRP E 83 -5.10 -6.53 36.79
CA TRP E 83 -5.31 -6.73 35.36
C TRP E 83 -4.88 -8.12 34.93
N GLU E 84 -5.47 -8.61 33.85
CA GLU E 84 -5.01 -9.84 33.21
C GLU E 84 -4.74 -9.64 31.72
N GLN E 85 -3.95 -10.53 31.12
CA GLN E 85 -3.52 -10.34 29.74
C GLN E 85 -4.67 -10.30 28.73
N GLU E 86 -5.84 -10.77 29.16
CA GLU E 86 -7.05 -10.75 28.35
C GLU E 86 -7.87 -9.49 28.62
N ASP E 87 -7.19 -8.35 28.73
CA ASP E 87 -7.79 -7.13 29.23
C ASP E 87 -7.36 -5.95 28.38
N GLN E 88 -8.32 -5.21 27.86
CA GLN E 88 -8.03 -3.96 27.17
CA GLN E 88 -8.05 -3.96 27.16
C GLN E 88 -8.31 -2.76 28.08
N PRO E 89 -7.58 -1.65 27.87
CA PRO E 89 -7.77 -0.49 28.73
C PRO E 89 -9.18 0.09 28.65
N VAL E 90 -9.73 0.24 27.45
CA VAL E 90 -11.00 0.96 27.27
C VAL E 90 -12.26 0.14 27.55
N PRO E 91 -12.23 -1.18 27.28
CA PRO E 91 -13.41 -2.00 27.58
C PRO E 91 -13.49 -2.32 29.06
N GLU E 92 -12.34 -2.28 29.73
CA GLU E 92 -12.29 -2.53 31.17
C GLU E 92 -12.63 -1.28 31.98
N HIS E 93 -12.55 -0.12 31.34
CA HIS E 93 -12.91 1.14 31.99
C HIS E 93 -14.42 1.39 32.03
N GLN E 94 -15.07 1.30 30.88
CA GLN E 94 -16.51 1.46 30.82
C GLN E 94 -17.23 0.34 31.56
N ARG E 95 -16.64 -0.86 31.53
CA ARG E 95 -17.19 -2.01 32.22
C ARG E 95 -17.26 -1.77 33.72
N TRP E 96 -16.22 -1.15 34.27
CA TRP E 96 -16.20 -0.83 35.69
C TRP E 96 -16.58 0.63 35.95
N SER E 97 -16.75 1.41 34.88
CA SER E 97 -17.48 2.67 34.99
C SER E 97 -18.25 3.11 33.73
N PRO E 98 -19.49 2.62 33.60
CA PRO E 98 -20.37 2.82 32.45
C PRO E 98 -20.65 4.27 32.06
N ASN E 99 -20.44 5.20 33.00
CA ASN E 99 -20.95 6.55 32.83
C ASN E 99 -19.87 7.64 32.92
N CYS E 100 -18.66 7.26 32.56
CA CYS E 100 -17.52 8.15 32.62
C CYS E 100 -17.62 9.28 31.61
N PRO E 101 -17.75 10.52 32.11
CA PRO E 101 -17.95 11.67 31.24
C PRO E 101 -16.94 11.74 30.10
N LEU E 102 -15.84 11.02 30.22
CA LEU E 102 -14.92 10.87 29.11
C LEU E 102 -15.45 9.86 28.09
N LEU E 103 -14.98 8.60 28.22
CA LEU E 103 -15.71 7.43 27.76
C LEU E 103 -17.01 7.74 27.01
N ARG E 104 -17.86 8.56 27.62
CA ARG E 104 -19.20 8.79 27.10
C ARG E 104 -19.21 10.00 26.14
N ARG E 105 -18.04 10.60 25.95
CA ARG E 105 -17.93 11.75 25.06
C ARG E 105 -18.74 12.93 25.60
N ARG E 106 -19.08 12.86 26.89
CA ARG E 106 -19.44 14.04 27.66
C ARG E 106 -18.27 15.03 27.76
N THR E 107 -18.55 16.26 28.13
CA THR E 107 -17.53 17.29 28.03
C THR E 107 -16.67 17.39 29.29
N THR E 108 -15.35 17.35 29.09
CA THR E 108 -14.37 17.21 30.17
C THR E 108 -13.35 18.33 30.05
N ASN E 109 -12.63 18.59 31.13
CA ASN E 109 -11.37 19.32 31.02
C ASN E 109 -10.20 18.50 30.47
N ASN E 110 -10.50 17.37 29.85
CA ASN E 110 -9.47 16.53 29.24
C ASN E 110 -8.79 17.28 28.12
N VAL E 111 -7.45 17.31 28.16
CA VAL E 111 -6.63 17.81 27.06
C VAL E 111 -5.82 16.66 26.44
N PRO E 112 -6.39 15.98 25.43
CA PRO E 112 -5.74 14.78 24.92
C PRO E 112 -4.49 15.18 24.14
N ILE E 113 -3.68 14.21 23.73
CA ILE E 113 -2.52 14.51 22.91
C ILE E 113 -2.84 14.59 21.42
N ASN E 114 -3.25 13.46 20.83
CA ASN E 114 -3.90 13.51 19.52
C ASN E 114 -5.40 13.27 19.68
N ALA E 115 -6.16 14.35 19.62
CA ALA E 115 -7.60 14.26 19.42
C ALA E 115 -7.94 12.95 18.71
N GLU E 116 -7.96 13.00 17.38
CA GLU E 116 -8.24 11.84 16.55
C GLU E 116 -8.09 10.52 17.32
N ALA E 117 -6.93 10.33 17.93
CA ALA E 117 -6.58 9.04 18.53
C ALA E 117 -7.51 8.67 19.68
N LEU E 118 -8.19 9.66 20.23
CA LEU E 118 -9.01 9.47 21.43
C LEU E 118 -10.43 9.19 20.98
N ASP E 119 -11.00 10.13 20.22
CA ASP E 119 -12.18 9.88 19.41
C ASP E 119 -12.17 8.47 18.82
N ARG E 120 -11.04 8.08 18.23
CA ARG E 120 -10.94 6.80 17.55
C ARG E 120 -11.47 5.64 18.41
N ILE E 121 -11.09 5.62 19.69
CA ILE E 121 -11.21 4.38 20.46
C ILE E 121 -12.02 4.49 21.75
N LEU E 122 -12.41 5.71 22.12
CA LEU E 122 -13.53 5.89 23.03
C LEU E 122 -14.69 5.04 22.54
N PRO E 123 -15.57 4.60 23.45
CA PRO E 123 -16.75 3.86 23.03
C PRO E 123 -17.96 4.78 22.81
N PRO E 124 -18.32 5.01 21.54
CA PRO E 124 -19.63 5.58 21.19
C PRO E 124 -20.78 4.83 21.87
N ALA F 2 -7.04 -19.58 39.64
CA ALA F 2 -8.18 -20.45 40.06
C ALA F 2 -8.78 -21.20 38.86
N SER F 3 -9.49 -22.28 39.14
CA SER F 3 -10.02 -23.12 38.07
C SER F 3 -11.39 -23.73 38.36
N VAL F 4 -12.26 -23.67 37.36
CA VAL F 4 -13.43 -24.54 37.28
C VAL F 4 -13.22 -25.93 37.88
N VAL F 5 -14.15 -26.35 38.74
CA VAL F 5 -14.38 -27.77 38.99
C VAL F 5 -15.62 -28.27 38.25
N PRO F 6 -15.51 -29.43 37.61
CA PRO F 6 -16.72 -30.06 37.08
C PRO F 6 -17.16 -31.31 37.84
N ILE F 7 -17.40 -32.38 37.10
CA ILE F 7 -18.33 -33.43 37.49
C ILE F 7 -17.93 -34.78 36.91
N ARG F 36 -29.07 -15.96 50.42
CA ARG F 36 -29.02 -15.84 51.89
C ARG F 36 -27.60 -15.84 52.42
N GLU F 37 -26.95 -14.68 52.40
CA GLU F 37 -25.50 -14.58 52.60
C GLU F 37 -25.08 -15.04 54.00
N GLU F 38 -26.03 -15.05 54.92
CA GLU F 38 -25.83 -15.59 56.26
C GLU F 38 -25.61 -17.11 56.20
N THR F 39 -26.16 -17.75 55.17
CA THR F 39 -26.16 -19.21 55.08
C THR F 39 -24.96 -19.68 54.27
N ARG F 40 -24.44 -18.81 53.42
CA ARG F 40 -23.19 -19.06 52.71
C ARG F 40 -22.01 -18.86 53.65
N LEU F 41 -21.96 -17.68 54.29
CA LEU F 41 -20.88 -17.38 55.22
C LEU F 41 -20.66 -18.48 56.25
N LYS F 42 -21.72 -19.23 56.55
CA LYS F 42 -21.66 -20.23 57.61
C LYS F 42 -21.15 -21.58 57.11
N THR F 43 -20.98 -21.68 55.80
CA THR F 43 -20.46 -22.90 55.16
C THR F 43 -18.94 -23.03 55.27
N PHE F 44 -18.25 -21.92 55.54
CA PHE F 44 -16.79 -21.89 55.39
C PHE F 44 -16.02 -22.35 56.63
N THR F 45 -16.54 -23.37 57.29
CA THR F 45 -15.86 -23.92 58.47
C THR F 45 -14.85 -25.01 58.10
N ASP F 46 -13.65 -24.91 58.65
CA ASP F 46 -12.52 -25.64 58.09
C ASP F 46 -12.25 -25.18 56.65
N TRP F 47 -12.30 -23.87 56.44
CA TRP F 47 -11.86 -23.27 55.19
C TRP F 47 -10.34 -23.22 55.15
N PRO F 48 -9.73 -24.00 54.25
CA PRO F 48 -8.30 -24.32 54.37
C PRO F 48 -7.39 -23.12 54.13
N LEU F 49 -7.99 -22.02 53.69
CA LEU F 49 -7.35 -21.09 52.77
C LEU F 49 -7.36 -19.67 53.31
N ASP F 50 -6.50 -19.42 54.30
CA ASP F 50 -6.46 -18.16 55.02
C ASP F 50 -6.48 -16.97 54.06
N TRP F 51 -5.43 -16.88 53.25
CA TRP F 51 -5.10 -15.65 52.56
C TRP F 51 -6.24 -15.19 51.67
N LEU F 52 -7.19 -16.08 51.41
CA LEU F 52 -8.34 -15.78 50.56
C LEU F 52 -9.57 -15.51 51.41
N ASP F 53 -9.83 -14.23 51.67
CA ASP F 53 -10.69 -13.85 52.78
C ASP F 53 -12.12 -14.34 52.50
N LYS F 54 -12.66 -15.17 53.38
CA LYS F 54 -13.90 -15.86 53.07
C LYS F 54 -15.18 -15.01 53.19
N ARG F 55 -15.04 -13.74 53.55
CA ARG F 55 -16.19 -12.82 53.55
C ARG F 55 -16.72 -12.52 52.16
N GLN F 56 -15.81 -12.20 51.23
CA GLN F 56 -16.22 -11.69 49.93
C GLN F 56 -16.47 -12.78 48.87
N LEU F 57 -16.29 -14.04 49.27
CA LEU F 57 -16.72 -15.17 48.46
C LEU F 57 -18.23 -15.36 48.56
N ALA F 58 -18.68 -15.62 49.78
CA ALA F 58 -20.09 -15.54 50.13
C ALA F 58 -20.76 -14.40 49.37
N GLN F 59 -20.14 -13.23 49.41
CA GLN F 59 -20.79 -11.99 49.04
C GLN F 59 -21.20 -12.07 47.57
N THR F 60 -20.52 -12.94 46.84
CA THR F 60 -20.66 -13.01 45.39
C THR F 60 -21.18 -14.38 44.94
N GLY F 61 -21.90 -15.06 45.82
CA GLY F 61 -22.74 -16.17 45.40
C GLY F 61 -22.21 -17.53 45.82
N MET F 62 -20.92 -17.57 46.17
CA MET F 62 -20.24 -18.79 46.60
C MET F 62 -20.69 -19.23 47.98
N TYR F 63 -21.01 -20.53 48.11
CA TYR F 63 -20.92 -21.30 49.35
C TYR F 63 -19.84 -22.38 49.29
N PHE F 64 -19.33 -22.78 50.45
CA PHE F 64 -18.22 -23.73 50.55
C PHE F 64 -18.74 -25.15 50.39
N THR F 65 -18.07 -25.95 49.58
CA THR F 65 -18.53 -27.31 49.29
C THR F 65 -17.93 -28.36 50.22
N HIS F 66 -17.06 -27.92 51.14
CA HIS F 66 -16.29 -28.83 51.98
C HIS F 66 -15.62 -29.94 51.16
N ALA F 67 -15.46 -29.70 49.87
CA ALA F 67 -14.50 -30.44 49.04
C ALA F 67 -13.25 -29.59 48.80
N GLY F 68 -12.09 -30.12 49.14
CA GLY F 68 -10.84 -29.38 49.06
C GLY F 68 -11.03 -27.88 49.21
N ASP F 69 -10.63 -27.13 48.19
CA ASP F 69 -10.76 -25.68 48.22
C ASP F 69 -11.83 -25.12 47.27
N LYS F 70 -12.73 -25.97 46.79
CA LYS F 70 -13.78 -25.52 45.88
C LYS F 70 -15.05 -24.94 46.52
N VAL F 71 -15.43 -23.77 46.03
CA VAL F 71 -16.64 -23.09 46.44
C VAL F 71 -17.63 -23.26 45.29
N LYS F 72 -18.91 -23.00 45.57
CA LYS F 72 -19.96 -23.20 44.58
C LYS F 72 -20.92 -22.00 44.60
N CYS F 73 -21.49 -21.65 43.46
CA CYS F 73 -22.38 -20.48 43.39
C CYS F 73 -23.86 -20.85 43.47
N PHE F 74 -24.56 -20.26 44.43
CA PHE F 74 -25.99 -20.48 44.60
C PHE F 74 -26.75 -20.30 43.29
N PHE F 75 -26.31 -19.33 42.48
CA PHE F 75 -27.17 -18.74 41.46
C PHE F 75 -26.88 -19.28 40.06
N CYS F 76 -25.62 -19.64 39.80
CA CYS F 76 -25.23 -20.23 38.53
C CYS F 76 -24.58 -21.59 38.73
N GLY F 77 -24.19 -21.88 39.97
CA GLY F 77 -23.70 -23.21 40.31
C GLY F 77 -22.29 -23.53 39.85
N VAL F 78 -21.68 -22.66 39.04
CA VAL F 78 -20.25 -22.76 38.78
C VAL F 78 -19.53 -23.05 40.09
N GLU F 79 -18.88 -24.23 40.16
CA GLU F 79 -17.99 -24.54 41.26
C GLU F 79 -16.57 -24.15 40.86
N ILE F 80 -15.84 -23.53 41.79
CA ILE F 80 -14.46 -23.15 41.53
C ILE F 80 -13.58 -23.47 42.72
N GLY F 81 -12.39 -24.00 42.45
CA GLY F 81 -11.38 -24.20 43.48
C GLY F 81 -10.01 -23.91 42.92
N SER F 82 -8.99 -24.43 43.61
CA SER F 82 -7.62 -24.31 43.13
C SER F 82 -7.23 -22.84 43.07
N TRP F 83 -7.42 -22.13 44.18
CA TRP F 83 -7.26 -20.69 44.25
C TRP F 83 -5.81 -20.30 44.54
N GLU F 84 -5.40 -19.14 44.04
CA GLU F 84 -4.05 -18.63 44.25
C GLU F 84 -4.01 -17.10 44.39
N GLN F 85 -3.02 -16.58 45.11
CA GLN F 85 -3.10 -15.21 45.59
C GLN F 85 -3.65 -14.29 44.51
N GLU F 86 -3.00 -14.31 43.34
CA GLU F 86 -3.60 -13.69 42.16
C GLU F 86 -5.13 -13.53 42.21
N ASP F 87 -5.86 -14.63 42.38
CA ASP F 87 -7.27 -14.65 41.97
C ASP F 87 -8.21 -13.94 42.93
N GLN F 88 -9.18 -13.19 42.39
CA GLN F 88 -10.22 -12.58 43.21
C GLN F 88 -11.57 -13.24 42.97
N PRO F 89 -12.46 -13.13 43.96
CA PRO F 89 -13.89 -13.44 43.91
C PRO F 89 -14.50 -13.24 42.52
N VAL F 90 -14.93 -12.01 42.24
CA VAL F 90 -15.71 -11.76 41.04
C VAL F 90 -15.01 -12.30 39.80
N PRO F 91 -13.87 -11.69 39.43
CA PRO F 91 -13.31 -12.17 38.17
C PRO F 91 -13.57 -13.65 37.98
N GLU F 92 -12.97 -14.48 38.82
CA GLU F 92 -12.82 -15.90 38.51
C GLU F 92 -14.18 -16.43 38.08
N HIS F 93 -15.16 -16.26 38.97
CA HIS F 93 -16.57 -16.48 38.68
C HIS F 93 -16.98 -16.11 37.25
N GLN F 94 -17.21 -14.82 37.01
CA GLN F 94 -17.79 -14.37 35.75
C GLN F 94 -16.82 -14.42 34.58
N ARG F 95 -15.64 -14.98 34.80
CA ARG F 95 -14.83 -15.55 33.72
C ARG F 95 -15.36 -16.93 33.31
N TRP F 96 -15.41 -17.85 34.26
CA TRP F 96 -15.89 -19.20 33.99
C TRP F 96 -17.39 -19.24 33.70
N SER F 97 -18.10 -18.19 34.15
CA SER F 97 -19.56 -18.13 34.05
C SER F 97 -20.05 -16.70 33.82
N PRO F 98 -19.98 -16.24 32.56
CA PRO F 98 -20.22 -14.86 32.18
C PRO F 98 -21.70 -14.53 32.14
N ASN F 99 -22.51 -15.41 32.72
CA ASN F 99 -23.97 -15.39 32.57
C ASN F 99 -24.68 -15.27 33.92
N CYS F 100 -23.89 -15.14 34.99
CA CYS F 100 -24.47 -15.24 36.33
C CYS F 100 -25.38 -14.03 36.58
N PRO F 101 -26.60 -14.30 37.09
CA PRO F 101 -27.57 -13.31 37.55
C PRO F 101 -27.01 -12.38 38.63
N LEU F 102 -26.20 -12.92 39.52
CA LEU F 102 -25.70 -12.10 40.61
C LEU F 102 -24.65 -11.11 40.13
N LEU F 103 -23.73 -11.59 39.30
CA LEU F 103 -22.65 -10.78 38.74
C LEU F 103 -23.18 -9.79 37.69
N ARG F 104 -24.33 -10.08 37.11
CA ARG F 104 -24.98 -9.18 36.18
C ARG F 104 -25.80 -8.10 36.88
N ARG F 105 -26.06 -8.31 38.17
CA ARG F 105 -27.21 -7.71 38.83
C ARG F 105 -28.47 -7.95 38.01
N ARG F 106 -29.08 -9.11 38.19
CA ARG F 106 -30.46 -9.32 37.81
C ARG F 106 -31.26 -9.61 39.07
N THR F 107 -32.56 -9.85 38.92
CA THR F 107 -33.44 -10.06 40.06
C THR F 107 -33.27 -11.45 40.67
N THR F 108 -32.56 -11.48 41.80
CA THR F 108 -32.32 -12.71 42.52
C THR F 108 -32.99 -12.61 43.87
N ASN F 109 -33.45 -13.75 44.39
CA ASN F 109 -33.82 -13.83 45.80
C ASN F 109 -32.58 -13.83 46.70
N ASN F 110 -31.58 -13.03 46.33
CA ASN F 110 -30.39 -12.89 47.15
C ASN F 110 -30.62 -12.07 48.41
N VAL F 111 -30.18 -12.62 49.54
CA VAL F 111 -30.12 -11.89 50.80
C VAL F 111 -28.68 -11.45 51.08
N PRO F 112 -28.42 -10.14 50.95
CA PRO F 112 -27.10 -9.60 51.28
C PRO F 112 -27.08 -8.98 52.67
N ILE F 113 -25.95 -9.09 53.35
CA ILE F 113 -25.74 -8.39 54.61
C ILE F 113 -25.52 -6.89 54.40
N ASN F 114 -25.04 -6.53 53.20
CA ASN F 114 -24.84 -5.13 52.87
C ASN F 114 -25.14 -4.84 51.41
N ALA F 115 -26.32 -4.27 51.16
CA ALA F 115 -26.86 -4.12 49.82
C ALA F 115 -25.93 -3.26 48.98
N GLU F 116 -25.33 -2.27 49.64
CA GLU F 116 -24.40 -1.34 48.99
C GLU F 116 -23.08 -2.03 48.72
N ALA F 117 -22.41 -2.44 49.80
CA ALA F 117 -21.02 -2.87 49.75
C ALA F 117 -20.80 -4.13 48.92
N LEU F 118 -21.87 -4.88 48.65
CA LEU F 118 -21.87 -5.80 47.52
C LEU F 118 -21.84 -5.05 46.19
N ASP F 119 -22.81 -4.15 46.01
CA ASP F 119 -23.04 -3.52 44.71
C ASP F 119 -21.82 -2.68 44.30
N ARG F 120 -20.86 -2.58 45.21
CA ARG F 120 -19.59 -1.92 44.94
C ARG F 120 -18.59 -2.87 44.25
N ILE F 121 -18.74 -4.16 44.49
CA ILE F 121 -17.80 -5.18 44.04
C ILE F 121 -18.08 -5.59 42.59
N LEU F 122 -19.34 -5.47 42.18
CA LEU F 122 -19.76 -5.94 40.85
C LEU F 122 -19.61 -4.80 39.85
N PRO F 123 -19.42 -5.14 38.57
CA PRO F 123 -19.49 -4.14 37.51
C PRO F 123 -20.91 -3.59 37.35
N PRO F 124 -21.05 -2.26 37.22
CA PRO F 124 -22.37 -1.67 37.03
C PRO F 124 -22.88 -1.82 35.59
ZN ZN G . 33.38 24.64 -13.51
ZN ZN H . 27.55 -0.94 -21.64
ZN ZN I . -20.87 -19.61 -21.57
ZN ZN J . -22.40 0.98 -39.26
ZN ZN K . -13.18 7.18 33.78
ZN ZN L . -22.77 -17.49 40.10
#